data_3NDC
#
_entry.id   3NDC
#
_cell.length_a   84.517
_cell.length_b   84.517
_cell.length_c   144.637
_cell.angle_alpha   90.00
_cell.angle_beta   90.00
_cell.angle_gamma   120.00
#
_symmetry.space_group_name_H-M   'P 65'
#
loop_
_entity.id
_entity.type
_entity.pdbx_description
1 polymer 'Precorrin-4 C(11)-methyltransferase'
2 non-polymer S-ADENOSYL-L-HOMOCYSTEINE
3 water water
#
_entity_poly.entity_id   1
_entity_poly.type   'polypeptide(L)'
_entity_poly.pdbx_seq_one_letter_code
;GSHMTVHFIGAGPGAADLITIRGRDLIASCPVCLYAGSLVPEALLAHCPPGAKIVNTAPMSLDAIIDTIAEAHAAGQDVA
RLHSGDLSIWSAMGEQLRRLRALNIPYDVTPGVPSFAAAAATLGAELTLPGVAQSVILTRTSGRASAMPAGETLENFART
GAVLAIHLSVHVLDEVVQKLVPHYGEDCPVAIVWRASWPDQRVVRATLATLQTSLGAELERTALILVGRSLATEDFDESR
LYAGDYDRRYRPLGTHPRFPEGSE
;
_entity_poly.pdbx_strand_id   A,B
#
# COMPACT_ATOMS: atom_id res chain seq x y z
N GLY A 1 -7.02 -9.76 31.84
CA GLY A 1 -5.91 -9.07 31.12
C GLY A 1 -5.55 -9.80 29.83
N SER A 2 -4.62 -9.22 29.09
CA SER A 2 -4.18 -9.84 27.85
C SER A 2 -2.74 -10.31 28.02
N HIS A 3 -2.37 -11.33 27.25
CA HIS A 3 -1.02 -11.84 27.38
C HIS A 3 -0.05 -11.08 26.46
N MET A 4 1.24 -11.27 26.72
CA MET A 4 2.31 -10.75 25.90
C MET A 4 2.07 -11.07 24.40
N THR A 5 2.22 -10.03 23.58
CA THR A 5 2.05 -10.13 22.13
C THR A 5 3.14 -9.34 21.44
N VAL A 6 3.57 -9.85 20.28
CA VAL A 6 4.50 -9.13 19.42
C VAL A 6 3.66 -8.37 18.40
N HIS A 7 3.82 -7.06 18.39
CA HIS A 7 3.05 -6.22 17.48
C HIS A 7 3.90 -5.77 16.30
N PHE A 8 3.72 -6.43 15.16
CA PHE A 8 4.37 -5.99 13.93
C PHE A 8 3.70 -4.76 13.42
N ILE A 9 4.49 -3.71 13.20
CA ILE A 9 3.94 -2.42 12.83
C ILE A 9 4.58 -1.84 11.56
N GLY A 10 3.73 -1.44 10.60
CA GLY A 10 4.24 -0.78 9.41
C GLY A 10 4.51 0.68 9.73
N ALA A 11 5.78 1.07 9.76
CA ALA A 11 6.19 2.43 10.20
C ALA A 11 5.91 3.48 9.16
N GLY A 12 5.61 3.06 7.93
CA GLY A 12 5.38 4.00 6.85
C GLY A 12 6.66 4.38 6.12
N PRO A 13 6.55 5.30 5.15
CA PRO A 13 7.62 5.54 4.19
C PRO A 13 8.83 6.32 4.69
N GLY A 14 8.75 6.90 5.88
CA GLY A 14 9.91 7.58 6.44
C GLY A 14 9.61 8.76 7.35
N ALA A 15 8.64 9.59 6.96
CA ALA A 15 8.14 10.64 7.84
C ALA A 15 7.47 10.05 9.10
N ALA A 16 7.90 10.52 10.27
CA ALA A 16 7.33 10.06 11.55
C ALA A 16 5.81 10.23 11.61
N ASP A 17 5.28 11.21 10.92
CA ASP A 17 3.82 11.43 10.97
C ASP A 17 3.04 10.59 9.95
N LEU A 18 3.73 9.70 9.24
CA LEU A 18 3.04 8.79 8.31
C LEU A 18 2.90 7.34 8.87
N ILE A 19 3.16 7.19 10.18
CA ILE A 19 2.70 5.99 10.88
C ILE A 19 1.19 6.15 11.12
N THR A 20 0.48 5.04 11.31
CA THR A 20 -0.92 5.08 11.71
C THR A 20 -1.03 5.51 13.19
N ILE A 21 -2.20 6.00 13.57
CA ILE A 21 -2.53 6.25 14.97
C ILE A 21 -2.29 4.99 15.80
N ARG A 22 -2.85 3.85 15.35
CA ARG A 22 -2.69 2.57 16.04
C ARG A 22 -1.21 2.21 16.22
N GLY A 23 -0.43 2.36 15.15
CA GLY A 23 1.01 2.12 15.17
C GLY A 23 1.70 2.93 16.27
N ARG A 24 1.41 4.23 16.32
CA ARG A 24 2.06 5.08 17.32
C ARG A 24 1.63 4.69 18.75
N ASP A 25 0.34 4.42 18.93
CA ASP A 25 -0.18 4.03 20.24
C ASP A 25 0.41 2.70 20.75
N LEU A 26 0.62 1.76 19.83
CA LEU A 26 1.29 0.51 20.19
C LEU A 26 2.75 0.71 20.57
N ILE A 27 3.47 1.57 19.83
CA ILE A 27 4.83 1.92 20.24
C ILE A 27 4.82 2.48 21.69
N ALA A 28 3.89 3.38 21.96
CA ALA A 28 3.82 4.04 23.26
C ALA A 28 3.56 3.05 24.39
N SER A 29 3.00 1.89 24.06
CA SER A 29 2.57 0.93 25.06
C SER A 29 3.44 -0.30 25.18
N CYS A 30 4.52 -0.41 24.41
CA CYS A 30 5.37 -1.60 24.51
C CYS A 30 6.68 -1.34 25.26
N PRO A 31 7.01 -2.19 26.25
CA PRO A 31 8.29 -2.05 26.98
C PRO A 31 9.51 -2.47 26.16
N VAL A 32 9.29 -3.15 25.03
CA VAL A 32 10.39 -3.54 24.14
C VAL A 32 10.05 -3.11 22.71
N CYS A 33 11.00 -2.44 22.08
CA CYS A 33 10.86 -1.97 20.72
C CYS A 33 12.03 -2.47 19.91
N LEU A 34 11.72 -3.19 18.83
CA LEU A 34 12.72 -3.68 17.88
C LEU A 34 12.50 -3.04 16.53
N TYR A 35 13.45 -2.24 16.06
CA TYR A 35 13.24 -1.47 14.86
C TYR A 35 14.29 -1.82 13.81
N ALA A 36 13.83 -1.92 12.56
CA ALA A 36 14.62 -2.48 11.48
C ALA A 36 15.45 -1.41 10.84
N GLY A 37 16.44 -0.93 11.58
CA GLY A 37 17.42 0.01 11.06
C GLY A 37 16.95 1.43 10.87
N SER A 38 17.86 2.26 10.37
CA SER A 38 17.66 3.70 10.15
C SER A 38 16.53 4.06 9.17
N LEU A 39 15.98 3.09 8.43
CA LEU A 39 14.78 3.40 7.61
C LEU A 39 13.50 3.54 8.46
N VAL A 40 13.58 3.19 9.72
CA VAL A 40 12.53 3.53 10.68
C VAL A 40 12.93 4.90 11.26
N PRO A 41 12.08 5.94 11.10
CA PRO A 41 12.52 7.27 11.52
C PRO A 41 12.72 7.33 13.03
N GLU A 42 13.85 7.87 13.43
CA GLU A 42 14.28 7.85 14.81
C GLU A 42 13.28 8.57 15.72
N ALA A 43 12.59 9.56 15.16
CA ALA A 43 11.59 10.32 15.92
C ALA A 43 10.45 9.43 16.44
N LEU A 44 10.17 8.33 15.75
CA LEU A 44 9.18 7.35 16.25
C LEU A 44 9.58 6.77 17.58
N LEU A 45 10.89 6.55 17.75
CA LEU A 45 11.41 5.93 18.97
C LEU A 45 11.19 6.81 20.22
N ALA A 46 10.94 8.11 19.99
CA ALA A 46 10.60 9.03 21.08
C ALA A 46 9.26 8.66 21.73
N HIS A 47 8.42 7.91 21.02
CA HIS A 47 7.15 7.43 21.57
C HIS A 47 7.27 6.21 22.49
N CYS A 48 8.41 5.55 22.51
CA CYS A 48 8.59 4.40 23.37
C CYS A 48 8.41 4.83 24.84
N PRO A 49 7.78 3.99 25.68
CA PRO A 49 7.55 4.45 27.06
C PRO A 49 8.87 4.67 27.80
N PRO A 50 8.86 5.46 28.90
CA PRO A 50 10.13 5.62 29.63
C PRO A 50 10.67 4.27 30.10
N GLY A 51 11.99 4.12 30.01
CA GLY A 51 12.66 2.89 30.44
C GLY A 51 12.55 1.72 29.47
N ALA A 52 12.06 1.96 28.24
CA ALA A 52 11.94 0.89 27.21
C ALA A 52 13.28 0.32 26.75
N LYS A 53 13.30 -0.98 26.49
CA LYS A 53 14.43 -1.62 25.82
C LYS A 53 14.26 -1.37 24.32
N ILE A 54 15.16 -0.58 23.74
CA ILE A 54 15.06 -0.20 22.33
C ILE A 54 16.22 -0.81 21.56
N VAL A 55 15.88 -1.66 20.59
CA VAL A 55 16.84 -2.55 19.95
C VAL A 55 16.83 -2.37 18.43
N ASN A 56 17.97 -1.98 17.88
CA ASN A 56 18.12 -1.82 16.45
C ASN A 56 18.43 -3.19 15.89
N THR A 57 17.56 -3.72 15.05
CA THR A 57 17.79 -5.06 14.55
C THR A 57 18.70 -5.15 13.32
N ALA A 58 19.12 -4.01 12.78
CA ALA A 58 19.89 -4.03 11.52
C ALA A 58 21.21 -4.79 11.61
N PRO A 59 21.92 -4.71 12.75
CA PRO A 59 23.14 -5.52 12.83
C PRO A 59 22.94 -6.99 13.27
N MET A 60 21.69 -7.42 13.45
CA MET A 60 21.39 -8.72 14.06
C MET A 60 20.93 -9.79 13.07
N SER A 61 21.31 -11.04 13.34
CA SER A 61 20.80 -12.17 12.53
C SER A 61 19.34 -12.44 12.88
N LEU A 62 18.62 -13.15 12.01
CA LEU A 62 17.26 -13.58 12.36
C LEU A 62 17.25 -14.35 13.69
N ASP A 63 18.22 -15.24 13.90
CA ASP A 63 18.32 -15.98 15.18
C ASP A 63 18.40 -15.04 16.37
N ALA A 64 19.24 -14.01 16.28
CA ALA A 64 19.40 -13.06 17.39
C ALA A 64 18.10 -12.28 17.64
N ILE A 65 17.41 -11.98 16.54
CA ILE A 65 16.16 -11.23 16.61
C ILE A 65 15.09 -12.07 17.31
N ILE A 66 14.98 -13.32 16.90
CA ILE A 66 14.02 -14.23 17.51
C ILE A 66 14.36 -14.49 18.98
N ASP A 67 15.66 -14.72 19.28
CA ASP A 67 16.05 -14.90 20.69
C ASP A 67 15.64 -13.71 21.56
N THR A 68 15.80 -12.48 21.04
CA THR A 68 15.43 -11.27 21.74
C THR A 68 13.91 -11.21 21.99
N ILE A 69 13.14 -11.60 20.99
CA ILE A 69 11.70 -11.66 21.14
C ILE A 69 11.31 -12.74 22.14
N ALA A 70 12.00 -13.88 22.09
CA ALA A 70 11.70 -14.99 23.02
C ALA A 70 11.95 -14.58 24.47
N GLU A 71 13.02 -13.80 24.68
CA GLU A 71 13.33 -13.22 25.99
C GLU A 71 12.18 -12.31 26.47
N ALA A 72 11.66 -11.45 25.60
CA ALA A 72 10.52 -10.61 25.92
C ALA A 72 9.28 -11.43 26.28
N HIS A 73 9.04 -12.49 25.52
CA HIS A 73 7.96 -13.45 25.78
C HIS A 73 8.14 -14.14 27.15
N ALA A 74 9.36 -14.60 27.43
CA ALA A 74 9.68 -15.20 28.74
C ALA A 74 9.46 -14.23 29.91
N ALA A 75 9.58 -12.93 29.64
CA ALA A 75 9.44 -11.87 30.65
C ALA A 75 8.04 -11.29 30.72
N GLY A 76 7.18 -11.70 29.78
CA GLY A 76 5.83 -11.17 29.67
C GLY A 76 5.76 -9.74 29.15
N GLN A 77 6.75 -9.34 28.37
CA GLN A 77 6.83 -7.98 27.85
C GLN A 77 6.45 -7.85 26.38
N ASP A 78 5.40 -7.09 26.10
CA ASP A 78 4.99 -6.75 24.73
C ASP A 78 6.12 -6.11 23.89
N VAL A 79 6.14 -6.45 22.61
CA VAL A 79 7.17 -5.95 21.72
C VAL A 79 6.51 -5.15 20.59
N ALA A 80 7.06 -3.97 20.33
CA ALA A 80 6.73 -3.18 19.14
C ALA A 80 7.79 -3.46 18.09
N ARG A 81 7.41 -4.17 17.03
CA ARG A 81 8.37 -4.62 16.03
C ARG A 81 8.13 -3.79 14.76
N LEU A 82 9.05 -2.84 14.50
CA LEU A 82 8.86 -1.82 13.47
C LEU A 82 9.60 -2.16 12.19
N HIS A 83 8.86 -2.13 11.08
CA HIS A 83 9.43 -2.27 9.74
C HIS A 83 9.04 -1.05 8.90
N SER A 84 9.95 -0.66 8.02
CA SER A 84 9.71 0.43 7.08
C SER A 84 8.48 0.13 6.18
N GLY A 85 7.65 1.14 5.95
CA GLY A 85 6.54 1.02 4.99
C GLY A 85 5.38 0.19 5.53
N ASP A 86 4.89 -0.75 4.71
CA ASP A 86 3.91 -1.73 5.14
C ASP A 86 4.53 -3.12 5.26
N LEU A 87 3.87 -4.00 6.02
CA LEU A 87 4.39 -5.36 6.26
C LEU A 87 4.18 -6.35 5.13
N SER A 88 3.24 -6.07 4.22
CA SER A 88 2.78 -7.07 3.24
C SER A 88 3.80 -7.38 2.15
N ILE A 89 4.75 -6.47 1.93
CA ILE A 89 5.65 -6.57 0.77
C ILE A 89 7.11 -6.30 1.13
N TRP A 90 7.96 -7.31 0.87
CA TRP A 90 9.41 -7.25 1.09
C TRP A 90 9.81 -6.71 2.46
N SER A 91 9.10 -7.14 3.50
CA SER A 91 9.35 -6.71 4.88
C SER A 91 10.24 -7.68 5.66
N ALA A 92 10.33 -8.92 5.18
CA ALA A 92 10.86 -10.08 5.94
C ALA A 92 10.10 -10.37 7.24
N MET A 93 8.84 -9.96 7.30
CA MET A 93 7.99 -10.33 8.43
C MET A 93 7.69 -11.83 8.39
N GLY A 94 7.40 -12.38 7.21
CA GLY A 94 7.01 -13.77 7.06
C GLY A 94 7.95 -14.78 7.75
N GLU A 95 9.24 -14.64 7.54
CA GLU A 95 10.23 -15.52 8.16
C GLU A 95 10.24 -15.38 9.70
N GLN A 96 9.99 -14.18 10.20
CA GLN A 96 9.83 -14.00 11.64
C GLN A 96 8.57 -14.68 12.18
N LEU A 97 7.45 -14.52 11.48
CA LEU A 97 6.21 -15.18 11.92
C LEU A 97 6.33 -16.70 12.04
N ARG A 98 7.02 -17.31 11.07
CA ARG A 98 7.18 -18.74 11.02
C ARG A 98 7.92 -19.18 12.29
N ARG A 99 8.93 -18.42 12.69
CA ARG A 99 9.70 -18.72 13.90
C ARG A 99 8.86 -18.51 15.14
N LEU A 100 8.05 -17.46 15.16
CA LEU A 100 7.21 -17.19 16.34
C LEU A 100 6.12 -18.25 16.55
N ARG A 101 5.50 -18.69 15.46
CA ARG A 101 4.53 -19.81 15.52
C ARG A 101 5.16 -21.09 16.10
N ALA A 102 6.37 -21.42 15.67
CA ALA A 102 7.08 -22.61 16.16
C ALA A 102 7.37 -22.52 17.66
N LEU A 103 7.49 -21.30 18.18
CA LEU A 103 7.70 -21.06 19.62
C LEU A 103 6.42 -20.78 20.40
N ASN A 104 5.28 -20.80 19.71
CA ASN A 104 3.99 -20.42 20.30
C ASN A 104 4.03 -19.01 20.94
N ILE A 105 4.68 -18.05 20.27
CA ILE A 105 4.67 -16.66 20.74
C ILE A 105 3.64 -15.89 19.90
N PRO A 106 2.60 -15.35 20.56
CA PRO A 106 1.51 -14.65 19.86
C PRO A 106 1.95 -13.33 19.20
N TYR A 107 1.28 -13.00 18.10
CA TYR A 107 1.58 -11.75 17.40
C TYR A 107 0.34 -11.18 16.74
N ASP A 108 0.42 -9.92 16.36
CA ASP A 108 -0.55 -9.36 15.44
C ASP A 108 0.15 -8.34 14.54
N VAL A 109 -0.59 -7.82 13.56
CA VAL A 109 0.01 -7.03 12.49
C VAL A 109 -0.80 -5.76 12.31
N THR A 110 -0.11 -4.62 12.33
CA THR A 110 -0.76 -3.34 12.10
C THR A 110 -0.23 -2.79 10.78
N PRO A 111 -1.13 -2.62 9.78
CA PRO A 111 -0.69 -2.21 8.44
C PRO A 111 -0.12 -0.80 8.41
N GLY A 112 0.81 -0.56 7.47
CA GLY A 112 1.34 0.77 7.25
C GLY A 112 1.13 1.31 5.85
N VAL A 113 1.61 2.53 5.63
CA VAL A 113 1.59 3.17 4.32
C VAL A 113 2.79 2.63 3.51
N PRO A 114 2.51 1.92 2.40
CA PRO A 114 3.60 1.36 1.60
C PRO A 114 4.29 2.43 0.77
N SER A 115 5.50 2.16 0.30
CA SER A 115 6.23 3.21 -0.39
C SER A 115 5.66 3.61 -1.76
N PHE A 116 5.00 2.70 -2.47
CA PHE A 116 4.42 3.08 -3.76
C PHE A 116 3.31 4.11 -3.56
N ALA A 117 2.61 4.00 -2.42
CA ALA A 117 1.60 4.99 -2.03
C ALA A 117 2.23 6.33 -1.67
N ALA A 118 3.33 6.32 -0.91
CA ALA A 118 4.08 7.54 -0.62
C ALA A 118 4.58 8.20 -1.89
N ALA A 119 5.11 7.39 -2.81
CA ALA A 119 5.64 7.91 -4.05
C ALA A 119 4.55 8.54 -4.92
N ALA A 120 3.41 7.86 -5.06
CA ALA A 120 2.28 8.41 -5.82
C ALA A 120 1.81 9.73 -5.20
N ALA A 121 1.79 9.78 -3.87
CA ALA A 121 1.39 11.01 -3.19
C ALA A 121 2.37 12.14 -3.46
N THR A 122 3.67 11.86 -3.39
CA THR A 122 4.74 12.79 -3.76
C THR A 122 4.55 13.36 -5.18
N LEU A 123 4.13 12.50 -6.10
CA LEU A 123 3.87 12.91 -7.48
C LEU A 123 2.54 13.61 -7.64
N GLY A 124 1.66 13.55 -6.65
CA GLY A 124 0.31 14.11 -6.79
C GLY A 124 -0.50 13.34 -7.83
N ALA A 125 -0.41 12.00 -7.79
CA ALA A 125 -0.97 11.17 -8.86
C ALA A 125 -1.87 10.04 -8.39
N GLU A 126 -3.00 9.88 -9.09
CA GLU A 126 -3.76 8.64 -9.04
C GLU A 126 -3.22 7.73 -10.13
N LEU A 127 -2.78 6.53 -9.75
CA LEU A 127 -2.14 5.62 -10.68
C LEU A 127 -3.15 4.96 -11.64
N THR A 128 -4.33 4.66 -11.12
CA THR A 128 -5.41 4.10 -11.94
C THR A 128 -6.14 5.21 -12.67
N LEU A 129 -6.40 5.01 -13.94
CA LEU A 129 -6.96 6.04 -14.78
C LEU A 129 -7.94 5.38 -15.73
N PRO A 130 -9.25 5.68 -15.61
CA PRO A 130 -10.20 4.98 -16.50
C PRO A 130 -9.83 5.13 -17.97
N GLY A 131 -9.85 4.03 -18.70
CA GLY A 131 -9.46 4.05 -20.12
C GLY A 131 -7.96 3.92 -20.36
N VAL A 132 -7.15 3.89 -19.29
CA VAL A 132 -5.69 3.91 -19.44
C VAL A 132 -5.05 2.80 -18.60
N ALA A 133 -5.38 2.74 -17.31
CA ALA A 133 -4.76 1.80 -16.39
C ALA A 133 -5.72 1.50 -15.27
N GLN A 134 -5.98 0.22 -15.08
CA GLN A 134 -6.88 -0.23 -14.02
C GLN A 134 -6.18 -1.25 -13.14
N SER A 135 -4.86 -1.32 -13.25
CA SER A 135 -4.08 -2.26 -12.46
C SER A 135 -2.72 -1.66 -12.13
N VAL A 136 -2.16 -2.08 -11.00
CA VAL A 136 -0.83 -1.68 -10.57
C VAL A 136 -0.08 -2.91 -10.13
N ILE A 137 1.05 -3.13 -10.75
CA ILE A 137 1.89 -4.27 -10.42
C ILE A 137 3.04 -3.86 -9.51
N LEU A 138 3.03 -4.42 -8.30
CA LEU A 138 4.10 -4.17 -7.34
C LEU A 138 5.14 -5.25 -7.56
N THR A 139 6.32 -4.90 -8.04
CA THR A 139 7.31 -5.92 -8.34
C THR A 139 8.75 -5.43 -8.13
N ARG A 140 9.71 -6.25 -8.54
CA ARG A 140 11.12 -5.92 -8.43
C ARG A 140 11.84 -6.61 -9.60
N THR A 141 13.15 -6.39 -9.73
CA THR A 141 13.96 -7.15 -10.68
C THR A 141 14.87 -8.07 -9.87
N SER A 142 15.44 -9.09 -10.49
CA SER A 142 16.45 -9.88 -9.78
C SER A 142 17.51 -8.89 -9.24
N GLY A 143 18.04 -8.05 -10.13
CA GLY A 143 18.96 -6.96 -9.78
C GLY A 143 20.22 -7.45 -9.08
N ARG A 144 20.65 -8.67 -9.41
CA ARG A 144 21.76 -9.34 -8.73
C ARG A 144 21.59 -9.37 -7.19
N ALA A 145 20.34 -9.56 -6.75
CA ALA A 145 19.95 -9.54 -5.33
C ALA A 145 18.90 -10.60 -4.97
N SER A 146 18.28 -11.22 -5.98
CA SER A 146 17.24 -12.21 -5.75
C SER A 146 17.02 -13.12 -6.97
N ALA A 147 16.44 -14.29 -6.72
CA ALA A 147 15.84 -15.07 -7.80
C ALA A 147 14.37 -14.67 -7.87
N MET A 148 13.85 -14.48 -9.09
CA MET A 148 12.42 -14.23 -9.26
C MET A 148 11.80 -15.55 -9.68
N PRO A 149 10.61 -15.87 -9.14
CA PRO A 149 9.88 -17.01 -9.70
C PRO A 149 9.74 -16.88 -11.21
N ALA A 150 9.64 -18.01 -11.90
CA ALA A 150 9.71 -18.08 -13.37
C ALA A 150 8.87 -17.05 -14.13
N GLY A 151 7.59 -16.96 -13.82
CA GLY A 151 6.67 -16.10 -14.55
C GLY A 151 6.73 -14.62 -14.24
N GLU A 152 7.48 -14.25 -13.21
CA GLU A 152 7.57 -12.86 -12.75
C GLU A 152 8.72 -12.10 -13.44
N THR A 153 8.67 -12.05 -14.77
CA THR A 153 9.69 -11.32 -15.51
C THR A 153 9.11 -9.97 -15.88
N LEU A 154 9.96 -8.97 -16.04
CA LEU A 154 9.49 -7.66 -16.48
C LEU A 154 8.73 -7.78 -17.79
N GLU A 155 9.20 -8.68 -18.66
CA GLU A 155 8.55 -8.91 -19.96
C GLU A 155 7.09 -9.34 -19.81
N ASN A 156 6.83 -10.29 -18.92
CA ASN A 156 5.47 -10.77 -18.67
C ASN A 156 4.55 -9.72 -18.08
N PHE A 157 5.09 -8.91 -17.16
CA PHE A 157 4.32 -7.80 -16.60
C PHE A 157 4.08 -6.73 -17.66
N ALA A 158 5.14 -6.37 -18.39
CA ALA A 158 5.04 -5.35 -19.45
C ALA A 158 3.99 -5.67 -20.50
N ARG A 159 3.76 -6.96 -20.73
CA ARG A 159 2.75 -7.43 -21.70
C ARG A 159 1.32 -7.06 -21.29
N THR A 160 1.08 -6.87 -19.99
CA THR A 160 -0.24 -6.47 -19.51
C THR A 160 -0.55 -4.98 -19.73
N GLY A 161 0.49 -4.18 -19.95
CA GLY A 161 0.36 -2.73 -20.03
C GLY A 161 -0.03 -2.01 -18.72
N ALA A 162 -0.07 -2.74 -17.61
CA ALA A 162 -0.39 -2.14 -16.30
C ALA A 162 0.69 -1.15 -15.84
N VAL A 163 0.33 -0.27 -14.91
CA VAL A 163 1.33 0.54 -14.19
C VAL A 163 2.27 -0.41 -13.44
N LEU A 164 3.59 -0.19 -13.58
CA LEU A 164 4.57 -0.95 -12.80
C LEU A 164 5.16 -0.06 -11.70
N ALA A 165 5.23 -0.61 -10.49
CA ALA A 165 5.88 0.04 -9.37
C ALA A 165 7.00 -0.92 -9.03
N ILE A 166 8.19 -0.55 -9.45
CA ILE A 166 9.32 -1.46 -9.40
C ILE A 166 10.23 -1.05 -8.24
N HIS A 167 10.38 -1.97 -7.30
CA HIS A 167 11.13 -1.77 -6.04
C HIS A 167 12.51 -2.41 -6.14
N LEU A 168 13.42 -2.04 -5.22
CA LEU A 168 14.69 -2.74 -5.06
C LEU A 168 15.54 -2.81 -6.34
N SER A 169 15.37 -1.83 -7.23
CA SER A 169 15.87 -1.96 -8.60
C SER A 169 16.55 -0.72 -9.18
N VAL A 170 16.65 0.36 -8.40
CA VAL A 170 17.19 1.60 -8.94
C VAL A 170 18.67 1.49 -9.39
N HIS A 171 19.40 0.56 -8.81
CA HIS A 171 20.80 0.29 -9.22
C HIS A 171 20.88 -0.35 -10.61
N VAL A 172 19.78 -0.95 -11.07
CA VAL A 172 19.77 -1.55 -12.43
C VAL A 172 18.85 -0.79 -13.37
N LEU A 173 18.80 0.52 -13.18
CA LEU A 173 17.91 1.37 -13.93
C LEU A 173 18.04 1.16 -15.44
N ASP A 174 19.28 1.10 -15.95
CA ASP A 174 19.50 0.90 -17.37
C ASP A 174 18.88 -0.38 -17.94
N GLU A 175 18.99 -1.50 -17.22
CA GLU A 175 18.40 -2.77 -17.69
C GLU A 175 16.88 -2.68 -17.72
N VAL A 176 16.32 -2.02 -16.71
CA VAL A 176 14.88 -1.84 -16.59
C VAL A 176 14.31 -1.15 -17.83
N VAL A 177 14.87 -0.01 -18.21
CA VAL A 177 14.33 0.67 -19.40
C VAL A 177 14.51 -0.16 -20.69
N GLN A 178 15.63 -0.89 -20.81
CA GLN A 178 15.89 -1.73 -21.99
C GLN A 178 14.83 -2.81 -22.15
N LYS A 179 14.42 -3.39 -21.04
CA LYS A 179 13.42 -4.45 -21.05
C LYS A 179 12.00 -3.92 -21.20
N LEU A 180 11.80 -2.65 -20.89
CA LEU A 180 10.45 -2.10 -20.93
C LEU A 180 10.12 -1.31 -22.19
N VAL A 181 11.12 -0.70 -22.81
CA VAL A 181 10.89 0.08 -24.04
C VAL A 181 10.12 -0.71 -25.11
N PRO A 182 10.56 -1.95 -25.42
CA PRO A 182 9.84 -2.67 -26.50
C PRO A 182 8.32 -2.79 -26.28
N HIS A 183 7.87 -2.76 -25.03
CA HIS A 183 6.45 -2.96 -24.72
C HIS A 183 5.69 -1.65 -24.51
N TYR A 184 6.27 -0.72 -23.75
CA TYR A 184 5.55 0.50 -23.34
C TYR A 184 5.73 1.68 -24.30
N GLY A 185 6.80 1.64 -25.07
CA GLY A 185 7.10 2.69 -26.03
C GLY A 185 8.24 3.52 -25.51
N GLU A 186 9.03 4.09 -26.44
CA GLU A 186 10.08 5.04 -26.09
C GLU A 186 9.56 6.25 -25.33
N ASP A 187 8.36 6.70 -25.68
CA ASP A 187 7.77 7.90 -25.07
C ASP A 187 6.90 7.64 -23.85
N CYS A 188 6.92 6.41 -23.33
CA CYS A 188 6.07 6.09 -22.18
C CYS A 188 6.59 6.82 -20.93
N PRO A 189 5.69 7.52 -20.21
CA PRO A 189 6.11 8.23 -19.00
C PRO A 189 6.74 7.31 -17.96
N VAL A 190 7.73 7.83 -17.26
CA VAL A 190 8.36 7.12 -16.15
C VAL A 190 8.69 8.17 -15.12
N ALA A 191 8.55 7.78 -13.86
CA ALA A 191 8.85 8.65 -12.73
C ALA A 191 9.62 7.88 -11.69
N ILE A 192 10.68 8.49 -11.16
CA ILE A 192 11.42 7.88 -10.05
C ILE A 192 11.30 8.78 -8.83
N VAL A 193 10.94 8.19 -7.70
CA VAL A 193 10.90 8.89 -6.44
C VAL A 193 11.90 8.25 -5.47
N TRP A 194 12.94 9.02 -5.13
CA TRP A 194 13.90 8.67 -4.09
C TRP A 194 13.38 9.18 -2.76
N ARG A 195 13.42 8.32 -1.74
CA ARG A 195 13.24 8.75 -0.35
C ARG A 195 11.97 9.56 -0.16
N ALA A 196 10.89 9.05 -0.75
CA ALA A 196 9.57 9.66 -0.57
C ALA A 196 9.26 9.91 0.90
N SER A 197 8.92 11.16 1.20
CA SER A 197 8.50 11.63 2.51
C SER A 197 9.66 11.99 3.46
N TRP A 198 10.87 11.63 3.09
CA TRP A 198 12.06 12.01 3.87
C TRP A 198 12.44 13.48 3.59
N PRO A 199 13.17 14.14 4.53
CA PRO A 199 13.61 15.53 4.23
C PRO A 199 14.36 15.51 2.89
N ASP A 200 14.97 14.36 2.68
CA ASP A 200 15.79 13.97 1.56
C ASP A 200 15.10 13.70 0.17
N GLN A 201 13.79 13.87 0.10
CA GLN A 201 12.97 13.42 -1.03
C GLN A 201 13.37 14.03 -2.38
N ARG A 202 13.45 13.19 -3.41
CA ARG A 202 13.80 13.69 -4.74
C ARG A 202 13.00 12.96 -5.83
N VAL A 203 12.53 13.72 -6.81
CA VAL A 203 11.75 13.20 -7.94
C VAL A 203 12.41 13.48 -9.30
N VAL A 204 12.35 12.49 -10.20
CA VAL A 204 12.65 12.69 -11.61
C VAL A 204 11.51 12.15 -12.51
N ARG A 205 11.00 12.98 -13.41
CA ARG A 205 10.04 12.56 -14.44
C ARG A 205 10.66 12.65 -15.83
N ALA A 206 10.39 11.64 -16.65
CA ALA A 206 10.88 11.61 -18.02
C ALA A 206 10.01 10.64 -18.82
N THR A 207 10.56 10.17 -19.94
CA THR A 207 10.01 9.03 -20.64
C THR A 207 11.10 7.98 -20.63
N LEU A 208 10.76 6.74 -20.97
CA LEU A 208 11.73 5.66 -20.93
C LEU A 208 13.00 5.98 -21.75
N ALA A 209 12.82 6.55 -22.94
CA ALA A 209 13.97 6.89 -23.81
C ALA A 209 14.76 8.12 -23.33
N THR A 210 14.18 8.93 -22.44
CA THR A 210 14.80 10.19 -22.06
C THR A 210 15.20 10.25 -20.59
N LEU A 211 15.06 9.13 -19.90
CA LEU A 211 15.44 9.06 -18.51
C LEU A 211 16.95 8.95 -18.38
N GLN A 212 17.52 9.77 -17.50
CA GLN A 212 18.95 9.71 -17.15
C GLN A 212 19.23 8.45 -16.31
N THR A 213 19.73 7.43 -17.00
CA THR A 213 20.02 6.11 -16.43
C THR A 213 21.05 6.15 -15.30
N SER A 214 22.04 7.02 -15.43
CA SER A 214 23.14 7.14 -14.46
C SER A 214 22.68 7.59 -13.05
N LEU A 215 21.49 8.17 -12.97
CA LEU A 215 20.86 8.52 -11.68
C LEU A 215 20.74 7.31 -10.76
N GLY A 216 20.69 6.12 -11.34
CA GLY A 216 20.53 4.89 -10.57
C GLY A 216 21.74 4.51 -9.74
N ALA A 217 22.92 4.57 -10.35
CA ALA A 217 24.19 4.24 -9.70
C ALA A 217 24.59 5.17 -8.53
N GLU A 218 23.90 6.30 -8.40
CA GLU A 218 24.14 7.24 -7.28
C GLU A 218 23.86 6.57 -5.91
N LEU A 219 24.43 7.14 -4.86
CA LEU A 219 24.45 6.54 -3.50
C LEU A 219 23.11 6.00 -2.96
N GLU A 220 22.03 6.75 -3.19
CA GLU A 220 20.73 6.40 -2.61
C GLU A 220 19.99 5.29 -3.35
N ARG A 221 19.75 4.18 -2.64
CA ARG A 221 19.04 3.05 -3.21
C ARG A 221 17.55 2.98 -2.81
N THR A 222 17.13 3.84 -1.90
CA THR A 222 15.73 3.87 -1.50
C THR A 222 14.96 4.68 -2.54
N ALA A 223 14.60 4.01 -3.63
CA ALA A 223 13.86 4.66 -4.72
C ALA A 223 12.88 3.71 -5.37
N LEU A 224 11.74 4.27 -5.78
CA LEU A 224 10.67 3.54 -6.41
C LEU A 224 10.52 4.00 -7.88
N ILE A 225 10.50 3.04 -8.80
CA ILE A 225 10.36 3.35 -10.23
C ILE A 225 8.91 3.12 -10.61
N LEU A 226 8.26 4.14 -11.16
CA LEU A 226 6.90 4.03 -11.66
C LEU A 226 6.87 4.19 -13.17
N VAL A 227 6.25 3.23 -13.85
CA VAL A 227 6.15 3.24 -15.31
C VAL A 227 4.68 3.12 -15.77
N GLY A 228 4.27 4.01 -16.68
CA GLY A 228 3.02 3.83 -17.42
C GLY A 228 2.41 5.12 -17.92
N ARG A 229 1.57 5.00 -18.94
CA ARG A 229 0.91 6.17 -19.54
C ARG A 229 0.20 7.06 -18.53
N SER A 230 -0.41 6.47 -17.50
CA SER A 230 -1.22 7.25 -16.55
C SER A 230 -0.39 8.16 -15.66
N LEU A 231 0.93 8.05 -15.72
CA LEU A 231 1.78 8.95 -14.94
C LEU A 231 1.86 10.36 -15.54
N ALA A 232 1.68 10.49 -16.86
CA ALA A 232 1.65 11.82 -17.48
C ALA A 232 0.63 11.88 -18.60
N THR A 233 -0.65 11.84 -18.22
CA THR A 233 -1.75 12.09 -19.18
C THR A 233 -2.97 12.73 -18.50
N GLU A 234 -3.67 13.57 -19.25
CA GLU A 234 -4.97 14.07 -18.83
C GLU A 234 -6.09 13.48 -19.71
N ASP A 235 -5.69 12.58 -20.59
CA ASP A 235 -6.64 11.95 -21.50
C ASP A 235 -7.28 10.74 -20.82
N PHE A 236 -8.25 11.03 -19.96
CA PHE A 236 -8.97 10.00 -19.23
C PHE A 236 -10.45 10.29 -18.95
N MET B 4 -5.10 29.18 0.25
CA MET B 4 -5.46 27.92 0.99
C MET B 4 -4.98 26.69 0.22
N THR B 5 -5.11 25.52 0.85
CA THR B 5 -4.75 24.26 0.25
C THR B 5 -5.87 23.21 0.41
N VAL B 6 -6.09 22.43 -0.63
CA VAL B 6 -6.96 21.26 -0.52
C VAL B 6 -6.09 20.07 -0.16
N HIS B 7 -6.34 19.49 1.00
CA HIS B 7 -5.57 18.31 1.46
C HIS B 7 -6.31 17.03 1.15
N PHE B 8 -5.88 16.37 0.07
CA PHE B 8 -6.34 14.99 -0.20
C PHE B 8 -5.68 14.04 0.78
N ILE B 9 -6.51 13.25 1.44
CA ILE B 9 -6.04 12.40 2.52
C ILE B 9 -6.55 10.99 2.38
N GLY B 10 -5.62 10.03 2.44
CA GLY B 10 -6.01 8.60 2.48
C GLY B 10 -6.49 8.22 3.86
N ALA B 11 -7.80 8.02 4.03
CA ALA B 11 -8.39 7.77 5.35
C ALA B 11 -8.04 6.40 5.95
N GLY B 12 -7.54 5.52 5.09
CA GLY B 12 -7.26 4.15 5.50
C GLY B 12 -8.47 3.24 5.30
N PRO B 13 -8.32 1.97 5.74
CA PRO B 13 -9.29 0.91 5.47
C PRO B 13 -10.65 1.03 6.18
N GLY B 14 -10.78 1.93 7.15
CA GLY B 14 -12.06 2.10 7.84
C GLY B 14 -11.95 2.39 9.34
N ALA B 15 -11.08 1.67 10.06
CA ALA B 15 -10.90 1.96 11.49
C ALA B 15 -10.28 3.35 11.64
N ALA B 16 -10.82 4.12 12.59
CA ALA B 16 -10.41 5.49 12.84
C ALA B 16 -8.92 5.62 13.19
N ASP B 17 -8.35 4.57 13.76
CA ASP B 17 -6.96 4.60 14.15
C ASP B 17 -6.01 4.13 13.04
N LEU B 18 -6.54 3.84 11.85
CA LEU B 18 -5.67 3.46 10.72
C LEU B 18 -5.47 4.59 9.69
N ILE B 19 -5.86 5.80 10.05
CA ILE B 19 -5.39 7.00 9.38
C ILE B 19 -4.00 7.28 9.91
N THR B 20 -3.18 7.99 9.12
CA THR B 20 -1.88 8.47 9.55
C THR B 20 -2.04 9.60 10.58
N ILE B 21 -1.02 9.80 11.41
CA ILE B 21 -0.93 10.99 12.27
C ILE B 21 -1.16 12.27 11.44
N ARG B 22 -0.41 12.40 10.35
CA ARG B 22 -0.55 13.59 9.49
C ARG B 22 -1.98 13.80 9.04
N GLY B 23 -2.65 12.72 8.63
CA GLY B 23 -4.03 12.79 8.16
C GLY B 23 -4.99 13.30 9.24
N ARG B 24 -4.85 12.76 10.45
CA ARG B 24 -5.67 13.20 11.59
C ARG B 24 -5.43 14.68 11.88
N ASP B 25 -4.16 15.08 11.85
CA ASP B 25 -3.76 16.46 12.14
C ASP B 25 -4.31 17.42 11.09
N LEU B 26 -4.19 17.03 9.81
CA LEU B 26 -4.78 17.83 8.75
C LEU B 26 -6.29 17.96 8.91
N ILE B 27 -6.98 16.87 9.26
CA ILE B 27 -8.44 16.94 9.48
C ILE B 27 -8.76 17.97 10.60
N ALA B 28 -7.99 17.89 11.69
CA ALA B 28 -8.22 18.76 12.86
C ALA B 28 -7.99 20.24 12.55
N SER B 29 -7.25 20.53 11.49
CA SER B 29 -6.93 21.90 11.16
C SER B 29 -7.69 22.48 9.97
N CYS B 30 -8.63 21.72 9.41
CA CYS B 30 -9.34 22.18 8.22
C CYS B 30 -10.76 22.62 8.55
N PRO B 31 -11.09 23.88 8.25
CA PRO B 31 -12.44 24.41 8.48
C PRO B 31 -13.50 23.71 7.61
N VAL B 32 -13.07 23.03 6.54
CA VAL B 32 -13.99 22.34 5.64
C VAL B 32 -13.49 20.91 5.40
N CYS B 33 -14.39 19.94 5.57
CA CYS B 33 -14.09 18.53 5.36
C CYS B 33 -15.06 17.92 4.35
N LEU B 34 -14.50 17.40 3.25
CA LEU B 34 -15.25 16.67 2.25
C LEU B 34 -14.88 15.20 2.30
N TYR B 35 -15.85 14.34 2.63
CA TYR B 35 -15.56 12.92 2.79
C TYR B 35 -16.38 12.07 1.82
N ALA B 36 -15.70 11.13 1.17
CA ALA B 36 -16.33 10.26 0.17
C ALA B 36 -17.13 9.15 0.81
N GLY B 37 -18.29 9.50 1.34
CA GLY B 37 -19.29 8.51 1.74
C GLY B 37 -19.00 7.80 3.03
N SER B 38 -19.90 6.89 3.40
CA SER B 38 -19.81 6.21 4.69
C SER B 38 -18.64 5.20 4.75
N LEU B 39 -17.96 5.01 3.61
CA LEU B 39 -16.71 4.24 3.57
C LEU B 39 -15.55 5.00 4.20
N VAL B 40 -15.81 6.22 4.64
CA VAL B 40 -14.91 6.98 5.49
C VAL B 40 -15.59 6.98 6.85
N PRO B 41 -14.97 6.33 7.85
CA PRO B 41 -15.60 6.13 9.15
C PRO B 41 -15.94 7.44 9.82
N GLU B 42 -17.14 7.51 10.38
CA GLU B 42 -17.63 8.74 10.97
C GLU B 42 -16.83 9.23 12.16
N ALA B 43 -16.11 8.34 12.85
CA ALA B 43 -15.26 8.76 13.97
C ALA B 43 -14.19 9.76 13.57
N LEU B 44 -13.68 9.63 12.34
CA LEU B 44 -12.70 10.59 11.82
C LEU B 44 -13.25 11.99 11.75
N LEU B 45 -14.55 12.08 11.49
CA LEU B 45 -15.24 13.37 11.42
C LEU B 45 -15.28 14.06 12.79
N ALA B 46 -15.17 13.29 13.87
CA ALA B 46 -15.06 13.87 15.23
C ALA B 46 -13.82 14.78 15.36
N HIS B 47 -12.80 14.52 14.56
CA HIS B 47 -11.56 15.31 14.53
C HIS B 47 -11.68 16.68 13.88
N CYS B 48 -12.77 16.90 13.15
CA CYS B 48 -13.00 18.18 12.49
C CYS B 48 -13.04 19.32 13.53
N PRO B 49 -12.50 20.50 13.19
CA PRO B 49 -12.49 21.59 14.17
C PRO B 49 -13.91 22.08 14.43
N PRO B 50 -14.15 22.72 15.60
CA PRO B 50 -15.53 23.14 15.94
C PRO B 50 -16.11 24.07 14.88
N GLY B 51 -17.39 23.86 14.54
CA GLY B 51 -18.05 24.64 13.49
C GLY B 51 -17.51 24.35 12.09
N ALA B 52 -16.93 23.17 11.90
CA ALA B 52 -16.45 22.78 10.58
C ALA B 52 -17.64 22.46 9.67
N LYS B 53 -17.54 22.86 8.42
CA LYS B 53 -18.49 22.44 7.40
C LYS B 53 -18.05 21.06 6.94
N ILE B 54 -18.83 20.06 7.30
CA ILE B 54 -18.60 18.67 6.95
C ILE B 54 -19.61 18.27 5.85
N VAL B 55 -19.12 17.73 4.74
CA VAL B 55 -19.92 17.44 3.55
C VAL B 55 -19.62 16.04 3.03
N ASN B 56 -20.67 15.24 2.93
CA ASN B 56 -20.60 13.94 2.28
C ASN B 56 -20.66 14.12 0.76
N THR B 57 -19.60 13.72 0.07
CA THR B 57 -19.56 13.86 -1.40
C THR B 57 -20.22 12.70 -2.16
N ALA B 58 -20.61 11.63 -1.47
CA ALA B 58 -21.21 10.46 -2.16
C ALA B 58 -22.44 10.81 -3.03
N PRO B 59 -23.32 11.74 -2.55
CA PRO B 59 -24.50 12.12 -3.33
C PRO B 59 -24.22 13.16 -4.43
N MET B 60 -22.98 13.63 -4.52
CA MET B 60 -22.61 14.79 -5.32
C MET B 60 -21.89 14.43 -6.62
N SER B 61 -22.18 15.19 -7.66
CA SER B 61 -21.42 15.12 -8.92
C SER B 61 -20.03 15.76 -8.76
N LEU B 62 -19.13 15.40 -9.65
CA LEU B 62 -17.84 16.07 -9.72
C LEU B 62 -17.97 17.60 -9.80
N ASP B 63 -18.87 18.09 -10.66
CA ASP B 63 -19.09 19.53 -10.77
C ASP B 63 -19.45 20.15 -9.42
N ALA B 64 -20.32 19.48 -8.65
CA ALA B 64 -20.76 20.04 -7.36
C ALA B 64 -19.64 20.05 -6.32
N ILE B 65 -18.85 18.97 -6.33
CA ILE B 65 -17.67 18.83 -5.48
C ILE B 65 -16.69 19.96 -5.76
N ILE B 66 -16.37 20.18 -7.04
CA ILE B 66 -15.41 21.22 -7.43
C ILE B 66 -15.94 22.62 -7.09
N ASP B 67 -17.25 22.82 -7.27
CA ASP B 67 -17.90 24.07 -6.86
C ASP B 67 -17.72 24.32 -5.38
N THR B 68 -17.97 23.29 -4.57
CA THR B 68 -17.85 23.39 -3.12
C THR B 68 -16.41 23.72 -2.72
N ILE B 69 -15.45 23.14 -3.42
CA ILE B 69 -14.04 23.44 -3.21
C ILE B 69 -13.69 24.87 -3.64
N ALA B 70 -14.21 25.30 -4.78
CA ALA B 70 -13.94 26.64 -5.29
C ALA B 70 -14.48 27.69 -4.33
N GLU B 71 -15.56 27.33 -3.65
CA GLU B 71 -16.15 28.14 -2.60
C GLU B 71 -15.19 28.30 -1.42
N ALA B 72 -14.60 27.20 -0.97
CA ALA B 72 -13.64 27.21 0.13
C ALA B 72 -12.43 28.03 -0.25
N HIS B 73 -11.98 27.87 -1.50
CA HIS B 73 -10.81 28.58 -2.02
C HIS B 73 -11.03 30.09 -2.07
N ALA B 74 -12.24 30.50 -2.47
CA ALA B 74 -12.62 31.91 -2.50
C ALA B 74 -12.81 32.47 -1.09
N ALA B 75 -12.95 31.58 -0.11
CA ALA B 75 -13.09 31.96 1.28
C ALA B 75 -11.80 31.72 2.10
N GLY B 76 -10.70 31.40 1.40
CA GLY B 76 -9.40 31.12 2.03
C GLY B 76 -9.37 29.99 3.06
N GLN B 77 -10.32 29.06 2.94
CA GLN B 77 -10.49 27.96 3.90
C GLN B 77 -9.86 26.64 3.42
N ASP B 78 -8.95 26.09 4.22
CA ASP B 78 -8.33 24.80 3.90
C ASP B 78 -9.37 23.68 3.84
N VAL B 79 -9.15 22.72 2.96
CA VAL B 79 -10.09 21.62 2.78
C VAL B 79 -9.44 20.28 3.13
N ALA B 80 -10.05 19.54 4.06
CA ALA B 80 -9.70 18.14 4.30
C ALA B 80 -10.55 17.27 3.37
N ARG B 81 -9.91 16.64 2.40
CA ARG B 81 -10.65 15.85 1.39
C ARG B 81 -10.37 14.36 1.57
N LEU B 82 -11.28 13.65 2.25
CA LEU B 82 -11.04 12.25 2.64
C LEU B 82 -11.53 11.23 1.62
N HIS B 83 -10.65 10.31 1.24
CA HIS B 83 -11.01 9.13 0.45
C HIS B 83 -10.62 7.86 1.22
N SER B 84 -11.39 6.79 1.01
CA SER B 84 -11.12 5.47 1.58
C SER B 84 -9.73 4.93 1.19
N GLY B 85 -9.04 4.31 2.13
CA GLY B 85 -7.76 3.62 1.84
C GLY B 85 -6.65 4.60 1.49
N ASP B 86 -5.95 4.32 0.38
CA ASP B 86 -5.00 5.25 -0.22
C ASP B 86 -5.54 5.90 -1.50
N LEU B 87 -4.97 7.05 -1.86
CA LEU B 87 -5.37 7.80 -3.06
C LEU B 87 -4.83 7.29 -4.41
N SER B 88 -3.76 6.48 -4.38
CA SER B 88 -3.12 6.04 -5.62
C SER B 88 -3.99 5.12 -6.47
N ILE B 89 -4.98 4.48 -5.85
CA ILE B 89 -5.74 3.41 -6.54
C ILE B 89 -7.25 3.47 -6.40
N TRP B 90 -7.93 3.57 -7.55
CA TRP B 90 -9.40 3.66 -7.62
C TRP B 90 -10.03 4.61 -6.61
N SER B 91 -9.45 5.80 -6.48
CA SER B 91 -9.96 6.83 -5.55
C SER B 91 -10.81 7.91 -6.23
N ALA B 92 -10.66 8.01 -7.56
CA ALA B 92 -11.13 9.15 -8.36
C ALA B 92 -10.56 10.50 -7.89
N MET B 93 -9.38 10.46 -7.28
CA MET B 93 -8.68 11.70 -6.95
C MET B 93 -8.27 12.41 -8.23
N GLY B 94 -7.77 11.64 -9.19
CA GLY B 94 -7.24 12.19 -10.45
C GLY B 94 -8.12 13.22 -11.16
N GLU B 95 -9.41 12.90 -11.30
CA GLU B 95 -10.31 13.80 -12.01
C GLU B 95 -10.48 15.10 -11.24
N GLN B 96 -10.42 15.01 -9.91
CA GLN B 96 -10.50 16.22 -9.09
C GLN B 96 -9.26 17.12 -9.24
N LEU B 97 -8.08 16.53 -9.28
CA LEU B 97 -6.84 17.30 -9.46
C LEU B 97 -6.81 17.99 -10.83
N ARG B 98 -7.25 17.29 -11.86
CA ARG B 98 -7.35 17.84 -13.22
C ARG B 98 -8.16 19.14 -13.21
N ARG B 99 -9.25 19.17 -12.44
CA ARG B 99 -10.14 20.32 -12.34
C ARG B 99 -9.60 21.43 -11.46
N LEU B 100 -8.99 21.04 -10.34
CA LEU B 100 -8.34 21.99 -9.45
C LEU B 100 -7.14 22.69 -10.11
N ARG B 101 -6.37 21.95 -10.93
CA ARG B 101 -5.27 22.57 -11.70
C ARG B 101 -5.80 23.65 -12.65
N ALA B 102 -6.87 23.30 -13.38
CA ALA B 102 -7.52 24.23 -14.32
C ALA B 102 -8.09 25.48 -13.63
N LEU B 103 -8.21 25.44 -12.31
CA LEU B 103 -8.65 26.61 -11.56
C LEU B 103 -7.55 27.26 -10.72
N ASN B 104 -6.33 26.74 -10.81
CA ASN B 104 -5.21 27.20 -9.96
C ASN B 104 -5.55 27.13 -8.48
N ILE B 105 -6.15 26.02 -8.05
CA ILE B 105 -6.40 25.82 -6.62
C ILE B 105 -5.30 24.87 -6.12
N PRO B 106 -4.53 25.30 -5.09
CA PRO B 106 -3.43 24.45 -4.61
C PRO B 106 -3.92 23.21 -3.88
N TYR B 107 -3.23 22.10 -4.09
CA TYR B 107 -3.53 20.87 -3.36
C TYR B 107 -2.26 20.14 -2.98
N ASP B 108 -2.38 19.26 -2.01
CA ASP B 108 -1.35 18.26 -1.72
C ASP B 108 -1.99 16.91 -1.36
N VAL B 109 -1.16 15.88 -1.29
CA VAL B 109 -1.66 14.50 -1.14
C VAL B 109 -0.99 13.83 0.06
N THR B 110 -1.80 13.30 0.96
CA THR B 110 -1.30 12.56 2.10
C THR B 110 -1.64 11.08 1.93
N PRO B 111 -0.61 10.24 1.78
CA PRO B 111 -0.89 8.84 1.51
C PRO B 111 -1.51 8.12 2.70
N GLY B 112 -2.23 7.05 2.41
CA GLY B 112 -2.90 6.27 3.42
C GLY B 112 -2.62 4.79 3.28
N VAL B 113 -3.21 4.01 4.19
CA VAL B 113 -3.09 2.55 4.21
C VAL B 113 -4.11 1.95 3.23
N PRO B 114 -3.63 1.28 2.17
CA PRO B 114 -4.60 0.73 1.20
C PRO B 114 -5.27 -0.52 1.76
N SER B 115 -6.38 -0.91 1.16
CA SER B 115 -7.12 -2.02 1.71
C SER B 115 -6.41 -3.37 1.56
N PHE B 116 -5.58 -3.54 0.53
CA PHE B 116 -4.89 -4.81 0.40
C PHE B 116 -3.88 -5.01 1.55
N ALA B 117 -3.27 -3.91 2.00
CA ALA B 117 -2.38 -3.93 3.18
C ALA B 117 -3.12 -4.30 4.46
N ALA B 118 -4.30 -3.69 4.66
CA ALA B 118 -5.15 -4.01 5.80
C ALA B 118 -5.60 -5.45 5.76
N ALA B 119 -6.01 -5.92 4.59
CA ALA B 119 -6.36 -7.33 4.43
C ALA B 119 -5.22 -8.30 4.75
N ALA B 120 -4.02 -8.04 4.20
CA ALA B 120 -2.85 -8.88 4.49
C ALA B 120 -2.56 -8.86 6.00
N ALA B 121 -2.71 -7.69 6.62
CA ALA B 121 -2.45 -7.57 8.07
C ALA B 121 -3.41 -8.38 8.92
N THR B 122 -4.70 -8.37 8.57
CA THR B 122 -5.67 -9.15 9.31
C THR B 122 -5.39 -10.64 9.14
N LEU B 123 -4.87 -11.02 7.98
CA LEU B 123 -4.51 -12.40 7.72
C LEU B 123 -3.17 -12.79 8.39
N GLY B 124 -2.49 -11.82 8.99
CA GLY B 124 -1.13 -12.03 9.50
C GLY B 124 -0.20 -12.54 8.41
N ALA B 125 -0.20 -11.90 7.23
CA ALA B 125 0.56 -12.45 6.11
C ALA B 125 1.51 -11.45 5.45
N GLU B 126 2.76 -11.89 5.21
CA GLU B 126 3.61 -11.18 4.25
C GLU B 126 3.33 -11.80 2.89
N LEU B 127 2.92 -11.00 1.90
CA LEU B 127 2.54 -11.54 0.58
C LEU B 127 3.72 -12.02 -0.26
N THR B 128 4.83 -11.30 -0.18
CA THR B 128 6.07 -11.70 -0.86
C THR B 128 6.85 -12.67 0.01
N LEU B 129 7.21 -13.83 -0.54
CA LEU B 129 7.98 -14.80 0.21
C LEU B 129 9.07 -15.35 -0.70
N PRO B 130 10.35 -15.22 -0.29
CA PRO B 130 11.46 -15.59 -1.19
C PRO B 130 11.31 -17.04 -1.67
N GLY B 131 11.46 -17.21 -2.99
CA GLY B 131 11.28 -18.51 -3.62
C GLY B 131 9.84 -18.91 -3.92
N VAL B 132 8.88 -18.04 -3.61
CA VAL B 132 7.46 -18.35 -3.85
C VAL B 132 6.77 -17.27 -4.69
N ALA B 133 6.85 -16.03 -4.22
CA ALA B 133 6.19 -14.90 -4.89
C ALA B 133 6.97 -13.64 -4.57
N GLN B 134 7.33 -12.89 -5.59
CA GLN B 134 8.10 -11.65 -5.41
C GLN B 134 7.38 -10.46 -6.05
N SER B 135 6.08 -10.63 -6.30
CA SER B 135 5.27 -9.61 -6.95
C SER B 135 3.83 -9.72 -6.44
N VAL B 136 3.15 -8.57 -6.42
CA VAL B 136 1.74 -8.49 -6.01
C VAL B 136 1.03 -7.65 -7.06
N ILE B 137 -0.04 -8.18 -7.63
CA ILE B 137 -0.78 -7.45 -8.65
C ILE B 137 -2.05 -6.90 -8.05
N LEU B 138 -2.19 -5.57 -8.07
CA LEU B 138 -3.39 -4.94 -7.56
C LEU B 138 -4.30 -4.75 -8.77
N THR B 139 -5.40 -5.46 -8.79
CA THR B 139 -6.26 -5.38 -9.96
C THR B 139 -7.75 -5.48 -9.62
N ARG B 140 -8.56 -5.59 -10.66
CA ARG B 140 -10.01 -5.72 -10.54
C ARG B 140 -10.47 -6.49 -11.79
N THR B 141 -11.78 -6.75 -11.91
CA THR B 141 -12.35 -7.32 -13.14
C THR B 141 -13.26 -6.29 -13.81
N SER B 142 -13.50 -6.47 -15.11
CA SER B 142 -14.52 -5.66 -15.79
C SER B 142 -15.78 -5.65 -14.94
N GLY B 143 -16.40 -6.82 -14.80
CA GLY B 143 -17.50 -7.04 -13.86
C GLY B 143 -18.73 -6.17 -14.06
N ARG B 144 -19.03 -5.83 -15.31
CA ARG B 144 -20.18 -4.99 -15.66
C ARG B 144 -20.13 -3.61 -14.98
N ALA B 145 -18.92 -3.11 -14.72
CA ALA B 145 -18.77 -1.82 -14.04
C ALA B 145 -17.63 -1.02 -14.62
N SER B 146 -16.88 -1.65 -15.52
CA SER B 146 -15.71 -1.01 -16.13
C SER B 146 -15.33 -1.67 -17.44
N ALA B 147 -14.56 -0.93 -18.24
CA ALA B 147 -13.83 -1.54 -19.33
C ALA B 147 -12.41 -1.69 -18.84
N MET B 148 -11.82 -2.84 -19.08
CA MET B 148 -10.43 -3.05 -18.71
C MET B 148 -9.58 -2.79 -19.96
N PRO B 149 -8.47 -2.06 -19.80
CA PRO B 149 -7.52 -2.09 -20.92
C PRO B 149 -7.23 -3.55 -21.34
N ALA B 150 -7.04 -3.75 -22.64
CA ALA B 150 -6.97 -5.09 -23.24
C ALA B 150 -5.92 -6.02 -22.63
N GLY B 151 -4.74 -5.50 -22.32
CA GLY B 151 -3.69 -6.31 -21.69
C GLY B 151 -3.97 -6.77 -20.25
N GLU B 152 -4.94 -6.14 -19.59
CA GLU B 152 -5.17 -6.33 -18.15
C GLU B 152 -6.26 -7.35 -17.86
N THR B 153 -6.07 -8.57 -18.34
CA THR B 153 -7.04 -9.65 -18.13
C THR B 153 -6.57 -10.50 -16.98
N LEU B 154 -7.50 -11.16 -16.28
CA LEU B 154 -7.10 -12.14 -15.27
C LEU B 154 -6.12 -13.17 -15.83
N GLU B 155 -6.35 -13.60 -17.07
CA GLU B 155 -5.49 -14.55 -17.79
C GLU B 155 -4.02 -14.13 -17.86
N ASN B 156 -3.77 -12.93 -18.38
CA ASN B 156 -2.43 -12.38 -18.47
C ASN B 156 -1.75 -12.25 -17.11
N PHE B 157 -2.50 -11.83 -16.10
CA PHE B 157 -1.94 -11.68 -14.76
C PHE B 157 -1.60 -13.06 -14.16
N ALA B 158 -2.51 -14.02 -14.35
CA ALA B 158 -2.38 -15.37 -13.81
C ALA B 158 -1.17 -16.10 -14.37
N ARG B 159 -0.84 -15.76 -15.61
CA ARG B 159 0.35 -16.26 -16.30
C ARG B 159 1.66 -15.95 -15.58
N THR B 160 1.68 -14.88 -14.79
CA THR B 160 2.90 -14.48 -14.09
C THR B 160 3.07 -15.28 -12.81
N GLY B 161 1.95 -15.80 -12.29
CA GLY B 161 1.93 -16.55 -11.04
C GLY B 161 2.08 -15.66 -9.83
N ALA B 162 2.05 -14.34 -10.02
CA ALA B 162 2.10 -13.40 -8.90
C ALA B 162 0.92 -13.53 -7.94
N VAL B 163 1.11 -13.05 -6.71
CA VAL B 163 -0.04 -12.81 -5.84
C VAL B 163 -0.98 -11.81 -6.51
N LEU B 164 -2.28 -12.08 -6.40
CA LEU B 164 -3.32 -11.18 -6.91
C LEU B 164 -4.17 -10.64 -5.76
N ALA B 165 -4.36 -9.34 -5.74
CA ALA B 165 -5.23 -8.67 -4.80
C ALA B 165 -6.28 -8.06 -5.70
N ILE B 166 -7.44 -8.72 -5.71
CA ILE B 166 -8.50 -8.39 -6.67
C ILE B 166 -9.57 -7.58 -5.97
N HIS B 167 -9.74 -6.35 -6.42
CA HIS B 167 -10.63 -5.37 -5.81
C HIS B 167 -11.90 -5.27 -6.66
N LEU B 168 -12.95 -4.67 -6.10
CA LEU B 168 -14.17 -4.34 -6.85
C LEU B 168 -14.77 -5.54 -7.62
N SER B 169 -14.50 -6.75 -7.14
CA SER B 169 -14.87 -7.95 -7.92
C SER B 169 -15.61 -9.05 -7.19
N VAL B 170 -16.01 -8.81 -5.94
CA VAL B 170 -16.62 -9.87 -5.14
C VAL B 170 -18.01 -10.30 -5.63
N HIS B 171 -18.65 -9.46 -6.42
CA HIS B 171 -19.96 -9.78 -7.01
C HIS B 171 -19.83 -10.81 -8.14
N VAL B 172 -18.61 -11.00 -8.65
CA VAL B 172 -18.35 -11.99 -9.71
C VAL B 172 -17.30 -13.04 -9.29
N LEU B 173 -17.36 -13.43 -8.02
CA LEU B 173 -16.42 -14.35 -7.42
C LEU B 173 -16.34 -15.65 -8.19
N ASP B 174 -17.53 -16.17 -8.54
CA ASP B 174 -17.65 -17.40 -9.33
C ASP B 174 -16.75 -17.35 -10.56
N GLU B 175 -16.92 -16.30 -11.37
CA GLU B 175 -16.18 -16.17 -12.63
C GLU B 175 -14.68 -15.96 -12.44
N VAL B 176 -14.31 -15.23 -11.38
CA VAL B 176 -12.90 -15.04 -10.99
C VAL B 176 -12.24 -16.41 -10.73
N VAL B 177 -12.87 -17.19 -9.85
CA VAL B 177 -12.42 -18.55 -9.54
C VAL B 177 -12.20 -19.39 -10.81
N GLN B 178 -13.22 -19.47 -11.67
CA GLN B 178 -13.14 -20.26 -12.91
C GLN B 178 -12.01 -19.82 -13.84
N LYS B 179 -11.70 -18.52 -13.86
CA LYS B 179 -10.61 -18.04 -14.71
C LYS B 179 -9.22 -18.35 -14.16
N LEU B 180 -9.12 -18.46 -12.83
CA LEU B 180 -7.81 -18.60 -12.18
C LEU B 180 -7.37 -20.04 -11.94
N VAL B 181 -8.33 -20.93 -11.67
CA VAL B 181 -8.06 -22.36 -11.45
C VAL B 181 -7.08 -22.98 -12.46
N PRO B 182 -7.34 -22.80 -13.79
CA PRO B 182 -6.44 -23.35 -14.82
C PRO B 182 -4.98 -22.96 -14.66
N HIS B 183 -4.72 -21.79 -14.08
CA HIS B 183 -3.36 -21.29 -13.92
C HIS B 183 -2.79 -21.55 -12.54
N TYR B 184 -3.59 -21.30 -11.50
CA TYR B 184 -3.10 -21.42 -10.11
C TYR B 184 -3.24 -22.80 -9.47
N GLY B 185 -4.17 -23.61 -9.98
CA GLY B 185 -4.44 -24.94 -9.43
C GLY B 185 -5.68 -24.90 -8.57
N GLU B 186 -6.39 -26.02 -8.51
CA GLU B 186 -7.60 -26.18 -7.67
C GLU B 186 -7.31 -26.00 -6.18
N ASP B 187 -6.12 -26.39 -5.78
CA ASP B 187 -5.67 -26.31 -4.40
C ASP B 187 -4.99 -24.97 -4.06
N CYS B 188 -5.03 -24.00 -4.96
CA CYS B 188 -4.35 -22.72 -4.65
C CYS B 188 -5.06 -22.00 -3.52
N PRO B 189 -4.30 -21.63 -2.47
CA PRO B 189 -4.92 -20.90 -1.39
C PRO B 189 -5.53 -19.58 -1.88
N VAL B 190 -6.67 -19.23 -1.28
CA VAL B 190 -7.37 -17.99 -1.56
C VAL B 190 -7.91 -17.50 -0.23
N ALA B 191 -7.99 -16.19 -0.11
CA ALA B 191 -8.63 -15.57 1.05
C ALA B 191 -9.49 -14.40 0.61
N ILE B 192 -10.62 -14.24 1.27
CA ILE B 192 -11.45 -13.07 1.05
C ILE B 192 -11.59 -12.33 2.37
N VAL B 193 -11.33 -11.04 2.34
CA VAL B 193 -11.54 -10.21 3.50
C VAL B 193 -12.60 -9.16 3.20
N TRP B 194 -13.72 -9.24 3.90
CA TRP B 194 -14.78 -8.22 3.84
C TRP B 194 -14.55 -7.20 4.92
N ARG B 195 -14.54 -5.92 4.54
CA ARG B 195 -14.56 -4.84 5.52
C ARG B 195 -13.41 -4.94 6.53
N ALA B 196 -12.20 -5.14 6.02
CA ALA B 196 -11.02 -5.21 6.86
C ALA B 196 -10.96 -3.98 7.76
N SER B 197 -10.77 -4.25 9.05
CA SER B 197 -10.61 -3.24 10.10
C SER B 197 -11.93 -2.62 10.59
N TRP B 198 -13.04 -2.93 9.93
CA TRP B 198 -14.36 -2.46 10.38
C TRP B 198 -14.84 -3.39 11.51
N PRO B 199 -15.82 -2.94 12.33
CA PRO B 199 -16.37 -3.85 13.33
C PRO B 199 -16.91 -5.17 12.77
N ASP B 200 -17.51 -5.13 11.58
CA ASP B 200 -18.12 -6.32 10.98
C ASP B 200 -17.22 -7.00 9.94
N GLN B 201 -15.90 -6.83 10.11
CA GLN B 201 -14.90 -7.53 9.31
C GLN B 201 -15.18 -9.02 9.28
N ARG B 202 -15.05 -9.62 8.09
CA ARG B 202 -15.25 -11.05 7.90
C ARG B 202 -14.08 -11.61 7.09
N VAL B 203 -13.57 -12.77 7.49
CA VAL B 203 -12.43 -13.39 6.81
C VAL B 203 -12.77 -14.82 6.39
N VAL B 204 -12.53 -15.14 5.13
CA VAL B 204 -12.68 -16.52 4.68
C VAL B 204 -11.35 -16.98 4.05
N ARG B 205 -10.86 -18.13 4.52
CA ARG B 205 -9.66 -18.76 3.93
C ARG B 205 -10.03 -20.11 3.33
N ALA B 206 -9.65 -20.33 2.09
CA ALA B 206 -9.99 -21.57 1.40
C ALA B 206 -8.96 -21.89 0.31
N THR B 207 -9.34 -22.73 -0.64
CA THR B 207 -8.63 -22.89 -1.88
C THR B 207 -9.59 -22.53 -3.00
N LEU B 208 -9.07 -22.39 -4.20
CA LEU B 208 -9.90 -22.01 -5.33
C LEU B 208 -11.07 -22.97 -5.54
N ALA B 209 -10.82 -24.27 -5.43
CA ALA B 209 -11.86 -25.29 -5.61
C ALA B 209 -12.85 -25.36 -4.44
N THR B 210 -12.36 -25.18 -3.22
CA THR B 210 -13.18 -25.32 -2.02
C THR B 210 -13.86 -24.04 -1.53
N LEU B 211 -13.54 -22.92 -2.16
CA LEU B 211 -14.20 -21.65 -1.83
C LEU B 211 -15.63 -21.69 -2.34
N GLN B 212 -16.59 -21.54 -1.44
CA GLN B 212 -17.99 -21.57 -1.85
C GLN B 212 -18.49 -20.20 -2.28
N THR B 213 -18.90 -20.11 -3.54
CA THR B 213 -19.42 -18.89 -4.13
C THR B 213 -20.81 -18.55 -3.57
N LEU B 219 -25.33 -9.49 1.43
CA LEU B 219 -24.20 -9.57 0.51
C LEU B 219 -23.44 -8.23 0.45
N GLU B 220 -22.40 -8.12 1.28
CA GLU B 220 -21.48 -6.97 1.30
C GLU B 220 -20.61 -6.94 0.05
N ARG B 221 -20.29 -5.75 -0.46
CA ARG B 221 -19.38 -5.64 -1.63
C ARG B 221 -18.00 -5.04 -1.35
N THR B 222 -17.79 -4.58 -0.12
CA THR B 222 -16.49 -4.06 0.27
C THR B 222 -15.63 -5.25 0.67
N ALA B 223 -15.06 -5.92 -0.34
CA ALA B 223 -14.28 -7.13 -0.13
C ALA B 223 -13.04 -7.19 -0.99
N LEU B 224 -11.98 -7.76 -0.45
CA LEU B 224 -10.77 -7.96 -1.21
C LEU B 224 -10.44 -9.44 -1.34
N ILE B 225 -10.25 -9.89 -2.58
CA ILE B 225 -9.85 -11.26 -2.87
C ILE B 225 -8.32 -11.34 -3.01
N LEU B 226 -7.71 -12.22 -2.24
CA LEU B 226 -6.28 -12.51 -2.37
C LEU B 226 -6.05 -13.94 -2.81
N VAL B 227 -5.21 -14.09 -3.83
CA VAL B 227 -4.94 -15.40 -4.38
C VAL B 227 -3.45 -15.65 -4.44
N GLY B 228 -3.01 -16.80 -3.91
CA GLY B 228 -1.63 -17.24 -4.07
C GLY B 228 -1.10 -18.19 -3.01
N ARG B 229 -0.07 -18.95 -3.38
CA ARG B 229 0.55 -19.95 -2.51
C ARG B 229 1.06 -19.35 -1.22
N SER B 230 1.59 -18.13 -1.32
CA SER B 230 2.26 -17.51 -0.19
C SER B 230 1.30 -17.18 0.95
N LEU B 231 0.00 -17.23 0.66
CA LEU B 231 -1.00 -17.04 1.71
C LEU B 231 -1.00 -18.18 2.76
N ALA B 232 -0.55 -19.37 2.36
CA ALA B 232 -0.56 -20.49 3.32
C ALA B 232 0.55 -21.49 3.02
N THR B 233 1.79 -21.10 3.30
CA THR B 233 2.98 -21.96 3.13
C THR B 233 4.12 -21.53 4.05
N GLU B 234 4.90 -22.50 4.52
CA GLU B 234 6.11 -22.21 5.29
C GLU B 234 7.37 -22.70 4.57
N ASP B 235 7.18 -23.25 3.38
CA ASP B 235 8.30 -23.61 2.52
C ASP B 235 8.75 -22.38 1.75
N PHE B 236 9.58 -21.56 2.41
CA PHE B 236 10.21 -20.40 1.79
C PHE B 236 11.58 -20.12 2.40
N ASP B 237 12.37 -19.30 1.71
CA ASP B 237 13.75 -18.97 2.13
C ASP B 237 13.82 -17.69 2.96
N GLU B 238 14.91 -17.53 3.70
CA GLU B 238 15.21 -16.23 4.35
C GLU B 238 15.60 -15.18 3.31
N SER B 239 15.56 -13.91 3.72
CA SER B 239 16.08 -12.81 2.89
C SER B 239 17.21 -12.07 3.60
#